data_8EKU
#
_entry.id   8EKU
#
_cell.length_a   42.757
_cell.length_b   60.707
_cell.length_c   44.675
_cell.angle_alpha   90.000
_cell.angle_beta   116.869
_cell.angle_gamma   90.000
#
_symmetry.space_group_name_H-M   'P 1 21 1'
#
loop_
_entity.id
_entity.type
_entity.pdbx_description
1 polymer "DNA (5'-D(*AP*AP*TP*AP*AP*AP*TP*GP*GP*AP*AP*TP*GP*GP*GP*G)-3')"
2 polymer "DNA (5'-D(*TP*CP*CP*CP*CP*AP*TP*TP*CP*CP*AP*TP*TP*TP*AP*T)-3')"
3 polymer 'Transcription factor PU.1'
4 water water
#
loop_
_entity_poly.entity_id
_entity_poly.type
_entity_poly.pdbx_seq_one_letter_code
_entity_poly.pdbx_strand_id
1 'polydeoxyribonucleotide' (DA)(DA)(DT)(DA)(DA)(DA)(DT)(DG)(DG)(DA)(DA)(DT)(DG)(DG)(DG)(DG) C
2 'polydeoxyribonucleotide' (DT)(DC)(DC)(DC)(DC)(DA)(DT)(DT)(DC)(DC)(DA)(DT)(DT)(DT)(DA)(DT) D
3 'polypeptide(L)'
;GSKKKIRLYQFLLDLLRSGDMKDSIWWVDKDKGTFQFSSKHKEALAHRWGIQKGNRKKMTYQKMARALRNYGKTGEVKKV
KKKLTYQFSGEVLGRGGLAERRHPPH
;
F
#
loop_
_chem_comp.id
_chem_comp.type
_chem_comp.name
_chem_comp.formula
DA DNA linking 2'-DEOXYADENOSINE-5'-MONOPHOSPHATE 'C10 H14 N5 O6 P'
DC DNA linking 2'-DEOXYCYTIDINE-5'-MONOPHOSPHATE 'C9 H14 N3 O7 P'
DG DNA linking 2'-DEOXYGUANOSINE-5'-MONOPHOSPHATE 'C10 H14 N5 O7 P'
DT DNA linking THYMIDINE-5'-MONOPHOSPHATE 'C10 H15 N2 O8 P'
#
# COMPACT_ATOMS: atom_id res chain seq x y z
N LYS C 5 10.04 -12.40 -6.04
CA LYS C 5 9.63 -10.99 -6.08
C LYS C 5 8.68 -10.67 -4.93
N ILE C 6 8.85 -9.47 -4.38
CA ILE C 6 8.05 -9.04 -3.24
C ILE C 6 6.62 -8.78 -3.70
N ARG C 7 5.68 -9.10 -2.83
CA ARG C 7 4.28 -8.83 -3.12
C ARG C 7 3.92 -7.41 -2.72
N LEU C 8 2.94 -6.84 -3.42
CA LEU C 8 2.55 -5.45 -3.16
C LEU C 8 2.20 -5.21 -1.68
N TYR C 9 1.43 -6.09 -1.06
CA TYR C 9 1.08 -5.79 0.32
C TYR C 9 2.30 -5.78 1.23
N GLN C 10 3.30 -6.60 0.91
CA GLN C 10 4.51 -6.63 1.73
C GLN C 10 5.37 -5.38 1.49
N PHE C 11 5.42 -4.91 0.24
CA PHE C 11 6.09 -3.65 -0.05
C PHE C 11 5.51 -2.54 0.81
N LEU C 12 4.19 -2.47 0.90
CA LEU C 12 3.54 -1.38 1.64
C LEU C 12 3.77 -1.52 3.14
N LEU C 13 3.68 -2.74 3.66
CA LEU C 13 3.93 -2.96 5.08
C LEU C 13 5.37 -2.63 5.44
N ASP C 14 6.31 -2.99 4.56
CA ASP C 14 7.71 -2.66 4.81
C ASP C 14 7.94 -1.15 4.84
N LEU C 15 7.29 -0.40 3.94
CA LEU C 15 7.39 1.06 3.97
C LEU C 15 6.86 1.61 5.28
N LEU C 16 5.72 1.11 5.73
CA LEU C 16 5.15 1.60 6.98
C LEU C 16 6.07 1.30 8.15
N ARG C 17 6.70 0.15 8.14
CA ARG C 17 7.62 -0.21 9.22
C ARG C 17 8.89 0.64 9.19
N SER C 18 9.41 0.93 8.00
CA SER C 18 10.66 1.67 7.89
C SER C 18 10.48 3.17 8.07
N GLY C 19 9.30 3.70 7.78
CA GLY C 19 9.09 5.14 7.73
C GLY C 19 9.80 5.87 6.61
N ASP C 20 10.14 5.19 5.52
CA ASP C 20 10.98 5.79 4.48
C ASP C 20 10.22 6.80 3.63
N MET C 21 8.89 6.66 3.51
CA MET C 21 8.05 7.56 2.70
C MET C 21 6.87 8.05 3.54
N LYS C 22 7.20 8.63 4.69
CA LYS C 22 6.19 9.06 5.66
C LYS C 22 5.25 10.13 5.13
N ASP C 23 5.64 10.88 4.10
CA ASP C 23 4.75 11.89 3.55
C ASP C 23 3.79 11.32 2.52
N SER C 24 3.97 10.04 2.13
CA SER C 24 3.10 9.38 1.17
C SER C 24 2.16 8.37 1.76
N ILE C 25 2.50 7.78 2.91
CA ILE C 25 1.70 6.71 3.49
C ILE C 25 1.92 6.74 5.00
N TRP C 26 0.87 6.42 5.76
CA TRP C 26 0.98 6.43 7.22
C TRP C 26 -0.06 5.50 7.82
N TRP C 27 0.24 5.03 9.03
CA TRP C 27 -0.80 4.35 9.82
C TRP C 27 -1.87 5.35 10.22
N VAL C 28 -3.11 4.89 10.21
CA VAL C 28 -4.21 5.58 10.87
C VAL C 28 -4.46 4.98 12.25
N ASP C 29 -4.62 3.66 12.30
CA ASP C 29 -4.73 2.91 13.55
C ASP C 29 -3.88 1.67 13.38
N LYS C 30 -2.64 1.74 13.87
CA LYS C 30 -1.69 0.67 13.57
C LYS C 30 -2.09 -0.63 14.25
N ASP C 31 -2.71 -0.56 15.43
CA ASP C 31 -3.13 -1.79 16.09
C ASP C 31 -4.17 -2.52 15.27
N LYS C 32 -5.01 -1.78 14.54
CA LYS C 32 -6.02 -2.40 13.69
C LYS C 32 -5.50 -2.64 12.28
N GLY C 33 -4.33 -2.13 11.95
CA GLY C 33 -3.75 -2.30 10.64
C GLY C 33 -4.31 -1.39 9.56
N THR C 34 -4.94 -0.26 9.93
CA THR C 34 -5.45 0.68 8.93
C THR C 34 -4.38 1.69 8.58
N PHE C 35 -4.31 2.02 7.30
CA PHE C 35 -3.29 2.92 6.78
C PHE C 35 -3.91 3.73 5.64
N GLN C 36 -3.26 4.84 5.33
CA GLN C 36 -3.80 5.78 4.39
C GLN C 36 -2.69 6.38 3.53
N PHE C 37 -3.02 6.63 2.28
CA PHE C 37 -2.11 7.31 1.36
C PHE C 37 -2.38 8.82 1.34
N SER C 38 -1.33 9.56 1.02
CA SER C 38 -1.40 11.00 0.79
C SER C 38 -2.05 11.34 -0.55
N SER C 39 -3.08 12.18 -0.54
CA SER C 39 -3.66 12.60 -1.83
C SER C 39 -2.61 13.22 -2.75
N LYS C 40 -1.78 14.10 -2.20
CA LYS C 40 -0.81 14.83 -3.02
C LYS C 40 0.49 14.09 -3.26
N HIS C 41 0.84 13.09 -2.46
CA HIS C 41 2.17 12.48 -2.54
C HIS C 41 2.14 10.98 -2.79
N LYS C 42 0.96 10.44 -3.10
CA LYS C 42 0.87 9.00 -3.38
C LYS C 42 1.56 8.60 -4.67
N GLU C 43 1.64 9.49 -5.66
CA GLU C 43 2.21 9.05 -6.92
C GLU C 43 3.69 8.72 -6.79
N ALA C 44 4.43 9.44 -5.93
CA ALA C 44 5.85 9.10 -5.74
C ALA C 44 5.99 7.68 -5.20
N LEU C 45 5.07 7.27 -4.34
CA LEU C 45 5.14 5.92 -3.80
C LEU C 45 4.79 4.90 -4.88
N ALA C 46 3.76 5.17 -5.68
CA ALA C 46 3.44 4.28 -6.80
C ALA C 46 4.63 4.14 -7.74
N HIS C 47 5.30 5.25 -8.05
CA HIS C 47 6.45 5.18 -8.94
C HIS C 47 7.50 4.24 -8.37
N ARG C 48 7.75 4.33 -7.06
CA ARG C 48 8.73 3.46 -6.42
CA ARG C 48 8.73 3.46 -6.42
C ARG C 48 8.36 1.98 -6.57
N TRP C 49 7.07 1.66 -6.42
CA TRP C 49 6.62 0.27 -6.58
C TRP C 49 6.94 -0.24 -7.97
N GLY C 50 6.62 0.55 -9.00
CA GLY C 50 6.90 0.11 -10.37
C GLY C 50 8.38 -0.10 -10.62
N ILE C 51 9.21 0.79 -10.09
CA ILE C 51 10.65 0.67 -10.29
C ILE C 51 11.20 -0.56 -9.56
N GLN C 52 10.72 -0.81 -8.34
CA GLN C 52 11.14 -2.01 -7.59
C GLN C 52 10.80 -3.27 -8.35
N LYS C 53 9.64 -3.28 -9.01
CA LYS C 53 9.19 -4.42 -9.79
C LYS C 53 9.87 -4.55 -11.15
N GLY C 54 10.50 -3.49 -11.64
CA GLY C 54 11.04 -3.51 -13.00
C GLY C 54 9.99 -3.56 -14.09
N ASN C 55 8.81 -3.00 -13.83
CA ASN C 55 7.73 -3.08 -14.81
C ASN C 55 8.07 -2.28 -16.05
N ARG C 56 7.38 -2.64 -17.14
CA ARG C 56 7.64 -1.98 -18.42
C ARG C 56 7.25 -0.50 -18.38
N LYS C 57 6.02 -0.19 -17.94
CA LYS C 57 5.52 1.17 -17.89
C LYS C 57 5.70 1.80 -16.50
N LYS C 58 5.60 3.12 -16.48
CA LYS C 58 5.57 3.88 -15.24
C LYS C 58 4.34 3.46 -14.45
N MET C 59 4.54 3.16 -13.16
CA MET C 59 3.45 2.79 -12.27
C MET C 59 2.72 4.05 -11.83
N THR C 60 1.40 3.95 -11.74
CA THR C 60 0.57 5.04 -11.25
C THR C 60 -0.19 4.56 -10.02
N TYR C 61 -0.63 5.54 -9.21
CA TYR C 61 -1.45 5.16 -8.07
C TYR C 61 -2.68 4.38 -8.51
N GLN C 62 -3.32 4.80 -9.61
CA GLN C 62 -4.52 4.10 -10.05
C GLN C 62 -4.22 2.63 -10.35
N LYS C 63 -3.11 2.34 -11.03
CA LYS C 63 -2.81 0.95 -11.30
C LYS C 63 -2.44 0.19 -10.03
N MET C 64 -1.72 0.83 -9.11
CA MET C 64 -1.39 0.20 -7.83
C MET C 64 -2.67 -0.11 -7.04
N ALA C 65 -3.61 0.82 -7.03
CA ALA C 65 -4.86 0.59 -6.31
C ALA C 65 -5.72 -0.46 -7.00
N ARG C 66 -5.59 -0.60 -8.32
CA ARG C 66 -6.28 -1.68 -9.02
C ARG C 66 -5.76 -3.05 -8.57
N ALA C 67 -4.44 -3.15 -8.37
CA ALA C 67 -3.88 -4.36 -7.78
C ALA C 67 -4.35 -4.57 -6.34
N LEU C 68 -4.41 -3.47 -5.54
CA LEU C 68 -4.86 -3.63 -4.15
C LEU C 68 -6.28 -4.16 -4.09
N ARG C 69 -7.12 -3.75 -5.03
CA ARG C 69 -8.48 -4.21 -5.06
C ARG C 69 -8.58 -5.73 -5.12
N ASN C 70 -7.64 -6.38 -5.80
CA ASN C 70 -7.70 -7.83 -5.94
C ASN C 70 -7.40 -8.57 -4.65
N TYR C 71 -6.87 -7.90 -3.63
CA TYR C 71 -6.72 -8.51 -2.33
C TYR C 71 -8.01 -8.56 -1.53
N GLY C 72 -9.04 -7.82 -1.93
CA GLY C 72 -10.26 -7.79 -1.14
C GLY C 72 -10.81 -9.17 -0.86
N LYS C 73 -10.88 -10.01 -1.88
CA LYS C 73 -11.54 -11.30 -1.70
C LYS C 73 -10.70 -12.26 -0.87
N THR C 74 -9.39 -12.28 -1.10
CA THR C 74 -8.52 -13.19 -0.37
C THR C 74 -8.21 -12.67 1.03
N GLY C 75 -8.25 -11.35 1.23
CA GLY C 75 -8.33 -10.74 2.54
C GLY C 75 -7.09 -10.01 3.02
N GLU C 76 -5.98 -10.06 2.29
CA GLU C 76 -4.73 -9.46 2.78
C GLU C 76 -4.89 -7.97 3.04
N VAL C 77 -5.65 -7.28 2.20
CA VAL C 77 -5.87 -5.84 2.27
C VAL C 77 -7.31 -5.58 1.84
N LYS C 78 -8.03 -4.81 2.64
CA LYS C 78 -9.39 -4.40 2.31
C LYS C 78 -9.47 -2.88 2.31
N LYS C 79 -10.32 -2.35 1.44
CA LYS C 79 -10.57 -0.93 1.41
C LYS C 79 -11.53 -0.54 2.52
N VAL C 80 -11.20 0.56 3.20
CA VAL C 80 -11.98 1.15 4.27
C VAL C 80 -12.76 2.32 3.70
N LYS C 81 -13.86 2.70 4.36
CA LYS C 81 -14.75 3.69 3.78
C LYS C 81 -14.31 5.14 4.02
N LYS C 82 -13.02 5.41 4.21
CA LYS C 82 -12.47 6.76 4.15
C LYS C 82 -11.59 6.86 2.90
N LYS C 83 -11.31 8.07 2.46
CA LYS C 83 -10.59 8.21 1.20
C LYS C 83 -9.16 7.66 1.35
N LEU C 84 -8.75 6.87 0.36
CA LEU C 84 -7.36 6.41 0.24
C LEU C 84 -6.93 5.56 1.43
N THR C 85 -7.87 4.93 2.11
CA THR C 85 -7.61 4.19 3.34
C THR C 85 -7.90 2.70 3.15
N TYR C 86 -7.02 1.88 3.69
CA TYR C 86 -7.04 0.43 3.56
C TYR C 86 -6.71 -0.21 4.91
N GLN C 87 -6.87 -1.52 5.00
CA GLN C 87 -6.63 -2.25 6.25
C GLN C 87 -5.99 -3.59 5.94
N PHE C 88 -4.83 -3.87 6.54
CA PHE C 88 -4.21 -5.18 6.46
C PHE C 88 -4.94 -6.21 7.32
N SER C 89 -4.92 -7.47 6.89
CA SER C 89 -5.44 -8.54 7.72
C SER C 89 -4.53 -8.79 8.93
N GLY C 90 -5.13 -9.37 9.97
CA GLY C 90 -4.33 -9.82 11.10
C GLY C 90 -3.24 -10.81 10.71
N GLU C 91 -3.51 -11.67 9.73
CA GLU C 91 -2.51 -12.62 9.28
C GLU C 91 -1.31 -11.90 8.65
N VAL C 92 -1.57 -10.90 7.83
CA VAL C 92 -0.50 -10.11 7.22
C VAL C 92 0.30 -9.37 8.29
N LEU C 93 -0.40 -8.77 9.26
CA LEU C 93 0.28 -8.00 10.30
C LEU C 93 1.18 -8.87 11.17
N GLY C 94 0.79 -10.13 11.40
CA GLY C 94 1.60 -10.99 12.26
C GLY C 94 2.85 -11.49 11.58
N ARG C 95 2.83 -11.59 10.26
CA ARG C 95 3.95 -12.14 9.49
C ARG C 95 4.91 -11.04 9.07
#